data_2DBT
#
_entry.id   2DBT
#
_cell.length_a   153.116
_cell.length_b   153.116
_cell.length_c   90.031
_cell.angle_alpha   90.00
_cell.angle_beta   90.00
_cell.angle_gamma   120.00
#
_symmetry.space_group_name_H-M   'P 32 2 1'
#
loop_
_entity.id
_entity.type
_entity.pdbx_description
1 polymer 'chitinase C'
2 non-polymer '4-(2-HYDROXYETHYL)-1-PIPERAZINE ETHANESULFONIC ACID'
3 water water
#
_entity_poly.entity_id   1
_entity_poly.type   'polypeptide(L)'
_entity_poly.pdbx_seq_one_letter_code
;ATCATAWSSSSVYTNGGTVSYNGRNYTAKWWTQNERPGTSDVWADKGACGTGGEGPGGNNGFVVSEAQFNQMFPNRNAFY
TYKGLTDALSAYPAFAKTGSDEVKKREAAAFLANVSHETGGLFYIKEVNEANYPHYCDTTQSYGCPAGQAAYYGRGPIQL
SWNFNYKAAGDALGINLLANPYLVEQDPAVAWKTGLWYWNSQNGPGTMTPHNAIVNNAGFGETIRSINGALECNGGNPAQ
VQSRINKFTQFTQILGTTTGPNLSC
;
_entity_poly.pdbx_strand_id   A,B,C
#
loop_
_chem_comp.id
_chem_comp.type
_chem_comp.name
_chem_comp.formula
EPE non-polymer '4-(2-HYDROXYETHYL)-1-PIPERAZINE ETHANESULFONIC ACID' 'C8 H18 N2 O4 S'
#
# COMPACT_ATOMS: atom_id res chain seq x y z
N GLY A 61 20.87 -34.60 -22.05
CA GLY A 61 20.48 -33.75 -23.23
C GLY A 61 19.00 -33.86 -23.57
N PHE A 62 18.30 -32.72 -23.55
CA PHE A 62 16.85 -32.56 -23.77
C PHE A 62 16.21 -33.53 -24.76
N VAL A 63 15.14 -34.20 -24.32
CA VAL A 63 14.45 -35.16 -25.19
C VAL A 63 13.86 -34.55 -26.46
N VAL A 64 13.79 -33.22 -26.55
CA VAL A 64 13.37 -32.55 -27.78
C VAL A 64 14.57 -32.05 -28.58
N SER A 65 14.84 -32.67 -29.72
CA SER A 65 15.86 -32.20 -30.65
C SER A 65 15.39 -30.91 -31.32
N GLU A 66 16.34 -30.12 -31.84
CA GLU A 66 16.00 -28.85 -32.48
C GLU A 66 15.00 -29.05 -33.64
N ALA A 67 15.31 -30.03 -34.49
CA ALA A 67 14.44 -30.45 -35.60
C ALA A 67 12.99 -30.63 -35.13
N GLN A 68 12.83 -31.31 -34.00
CA GLN A 68 11.52 -31.53 -33.41
C GLN A 68 10.94 -30.20 -32.95
N PHE A 69 11.73 -29.45 -32.18
CA PHE A 69 11.26 -28.17 -31.70
C PHE A 69 10.67 -27.37 -32.87
N ASN A 70 11.46 -27.24 -33.93
CA ASN A 70 11.05 -26.54 -35.14
C ASN A 70 9.81 -27.10 -35.85
N GLN A 71 9.74 -28.42 -35.91
CA GLN A 71 8.58 -29.09 -36.45
C GLN A 71 7.34 -28.68 -35.70
N MET A 72 7.44 -28.63 -34.38
CA MET A 72 6.32 -28.16 -33.55
C MET A 72 6.00 -26.68 -33.76
N PHE A 73 7.03 -25.86 -34.02
CA PHE A 73 6.81 -24.41 -34.04
C PHE A 73 7.39 -23.83 -35.31
N PRO A 74 6.67 -24.06 -36.43
CA PRO A 74 7.28 -23.65 -37.69
C PRO A 74 7.03 -22.15 -37.93
N ASN A 75 6.34 -21.51 -36.99
CA ASN A 75 5.91 -20.15 -37.19
C ASN A 75 6.28 -19.22 -36.05
N ARG A 76 7.23 -19.69 -35.24
CA ARG A 76 7.67 -18.96 -34.05
C ARG A 76 8.48 -17.74 -34.39
N ASN A 77 8.10 -16.64 -33.76
CA ASN A 77 8.92 -15.45 -33.64
C ASN A 77 10.38 -15.80 -33.28
N ALA A 78 11.34 -15.08 -33.85
CA ALA A 78 12.77 -15.38 -33.58
C ALA A 78 13.22 -15.12 -32.13
N PHE A 79 12.36 -14.44 -31.37
CA PHE A 79 12.58 -14.20 -29.95
C PHE A 79 12.73 -15.51 -29.21
N TYR A 80 11.89 -16.46 -29.58
CA TYR A 80 11.89 -17.77 -28.96
C TYR A 80 12.85 -18.70 -29.69
N THR A 81 13.99 -18.98 -29.10
CA THR A 81 14.90 -19.93 -29.75
C THR A 81 15.05 -21.24 -29.02
N TYR A 82 15.30 -22.29 -29.78
CA TYR A 82 15.62 -23.57 -29.21
C TYR A 82 16.70 -23.44 -28.15
N LYS A 83 17.73 -22.63 -28.41
CA LYS A 83 18.81 -22.51 -27.44
C LYS A 83 18.32 -21.80 -26.18
N GLY A 84 17.49 -20.79 -26.34
CA GLY A 84 16.85 -20.17 -25.19
C GLY A 84 16.21 -21.20 -24.26
N LEU A 85 15.40 -22.09 -24.86
CA LEU A 85 14.71 -23.14 -24.10
C LEU A 85 15.70 -24.04 -23.35
N THR A 86 16.62 -24.66 -24.08
CA THR A 86 17.64 -25.55 -23.47
C THR A 86 18.44 -24.88 -22.35
N ASP A 87 18.88 -23.64 -22.57
CA ASP A 87 19.57 -22.92 -21.51
C ASP A 87 18.73 -22.83 -20.24
N ALA A 88 17.42 -22.58 -20.39
CA ALA A 88 16.54 -22.44 -19.23
C ALA A 88 16.26 -23.73 -18.48
N LEU A 89 16.51 -24.88 -19.08
CA LEU A 89 16.27 -26.16 -18.40
C LEU A 89 16.93 -26.28 -17.01
N SER A 90 18.16 -25.76 -16.88
CA SER A 90 18.89 -25.60 -15.60
C SER A 90 17.95 -25.31 -14.46
N ALA A 91 17.22 -24.19 -14.56
CA ALA A 91 16.36 -23.67 -13.49
C ALA A 91 15.47 -24.70 -12.82
N TYR A 92 15.07 -25.73 -13.56
CA TYR A 92 14.15 -26.73 -12.99
C TYR A 92 14.59 -28.12 -13.36
N PRO A 93 15.58 -28.65 -12.65
CA PRO A 93 16.26 -29.85 -13.14
C PRO A 93 15.37 -31.11 -13.21
N ALA A 94 14.18 -31.09 -12.58
CA ALA A 94 13.30 -32.25 -12.66
C ALA A 94 12.53 -32.28 -13.99
N PHE A 95 12.36 -31.10 -14.57
CA PHE A 95 11.49 -30.92 -15.73
C PHE A 95 12.01 -31.70 -16.93
N ALA A 96 11.13 -32.50 -17.53
CA ALA A 96 11.44 -33.40 -18.64
C ALA A 96 12.64 -34.27 -18.33
N LYS A 97 12.75 -34.61 -17.05
CA LYS A 97 13.85 -35.42 -16.49
C LYS A 97 13.33 -36.43 -15.47
N THR A 98 12.06 -36.33 -15.10
CA THR A 98 11.47 -37.25 -14.15
C THR A 98 10.73 -38.32 -14.92
N GLY A 99 10.80 -39.56 -14.46
CA GLY A 99 10.15 -40.67 -15.15
C GLY A 99 10.95 -41.19 -16.33
N SER A 100 10.43 -42.23 -16.97
CA SER A 100 11.04 -42.84 -18.14
C SER A 100 11.19 -41.87 -19.30
N ASP A 101 11.85 -42.33 -20.35
CA ASP A 101 11.93 -41.58 -21.58
C ASP A 101 10.59 -41.19 -22.16
N GLU A 102 9.66 -42.13 -22.10
CA GLU A 102 8.33 -41.92 -22.62
C GLU A 102 7.67 -40.81 -21.85
N VAL A 103 7.75 -40.88 -20.52
CA VAL A 103 7.17 -39.85 -19.66
C VAL A 103 7.89 -38.51 -19.83
N LYS A 104 9.22 -38.57 -19.99
CA LYS A 104 10.02 -37.37 -20.19
C LYS A 104 9.55 -36.64 -21.46
N LYS A 105 9.35 -37.42 -22.52
CA LYS A 105 8.87 -36.87 -23.78
C LYS A 105 7.45 -36.36 -23.65
N ARG A 106 6.63 -37.11 -22.92
CA ARG A 106 5.25 -36.72 -22.66
C ARG A 106 5.18 -35.36 -21.99
N GLU A 107 6.00 -35.14 -20.94
CA GLU A 107 5.98 -33.84 -20.24
C GLU A 107 6.41 -32.73 -21.17
N ALA A 108 7.53 -32.94 -21.85
CA ALA A 108 8.04 -31.92 -22.77
C ALA A 108 6.95 -31.51 -23.75
N ALA A 109 6.31 -32.52 -24.37
CA ALA A 109 5.22 -32.29 -25.31
C ALA A 109 4.09 -31.52 -24.68
N ALA A 110 3.66 -31.98 -23.50
CA ALA A 110 2.59 -31.37 -22.73
C ALA A 110 2.85 -29.88 -22.44
N PHE A 111 4.10 -29.55 -22.12
CA PHE A 111 4.50 -28.18 -21.85
C PHE A 111 4.39 -27.37 -23.15
N LEU A 112 5.11 -27.82 -24.17
CA LEU A 112 5.16 -27.11 -25.44
C LEU A 112 3.78 -26.94 -26.10
N ALA A 113 2.95 -27.98 -26.03
CA ALA A 113 1.57 -27.92 -26.53
C ALA A 113 0.83 -26.77 -25.88
N ASN A 114 0.91 -26.70 -24.55
CA ASN A 114 0.31 -25.61 -23.82
C ASN A 114 0.89 -24.24 -24.18
N VAL A 115 2.22 -24.17 -24.29
CA VAL A 115 2.94 -22.99 -24.77
C VAL A 115 2.40 -22.54 -26.13
N SER A 116 2.33 -23.49 -27.06
CA SER A 116 1.83 -23.25 -28.41
C SER A 116 0.46 -22.61 -28.40
N HIS A 117 -0.43 -23.15 -27.58
CA HIS A 117 -1.78 -22.62 -27.49
C HIS A 117 -1.75 -21.19 -26.93
N GLU A 118 -0.96 -20.95 -25.89
CA GLU A 118 -0.86 -19.63 -25.25
C GLU A 118 -0.34 -18.53 -26.19
N THR A 119 0.49 -18.90 -27.15
CA THR A 119 1.23 -17.92 -27.91
C THR A 119 1.05 -18.06 -29.43
N GLY A 120 0.01 -18.77 -29.85
CA GLY A 120 -0.19 -19.06 -31.26
C GLY A 120 1.06 -19.62 -31.91
N GLY A 121 1.44 -20.82 -31.51
CA GLY A 121 2.60 -21.52 -32.10
C GLY A 121 3.91 -20.75 -31.94
N LEU A 122 4.02 -20.01 -30.82
CA LEU A 122 5.19 -19.18 -30.50
C LEU A 122 5.35 -18.05 -31.51
N PHE A 123 4.23 -17.66 -32.09
CA PHE A 123 4.24 -16.53 -32.99
C PHE A 123 4.33 -15.25 -32.21
N TYR A 124 3.65 -15.19 -31.05
CA TYR A 124 3.48 -13.94 -30.30
C TYR A 124 4.29 -13.89 -28.99
N ILE A 125 4.82 -12.70 -28.67
CA ILE A 125 5.56 -12.46 -27.39
C ILE A 125 4.68 -11.80 -26.34
N LYS A 126 4.13 -10.65 -26.68
CA LYS A 126 3.21 -9.97 -25.78
C LYS A 126 1.80 -10.34 -26.16
N GLU A 127 0.90 -10.41 -25.17
CA GLU A 127 -0.52 -10.69 -25.37
C GLU A 127 -1.13 -9.77 -26.43
N VAL A 128 -1.94 -10.32 -27.34
CA VAL A 128 -2.49 -9.53 -28.45
C VAL A 128 -3.50 -8.43 -28.08
N ASN A 129 -4.58 -8.78 -27.36
CA ASN A 129 -5.63 -7.77 -27.13
C ASN A 129 -5.33 -6.63 -26.12
N GLU A 130 -4.73 -5.55 -26.61
CA GLU A 130 -4.32 -4.43 -25.73
C GLU A 130 -5.45 -3.92 -24.88
N ALA A 131 -6.68 -4.14 -25.33
CA ALA A 131 -7.85 -3.59 -24.66
C ALA A 131 -7.95 -4.08 -23.22
N ASN A 132 -7.47 -5.29 -22.99
CA ASN A 132 -7.62 -5.84 -21.65
C ASN A 132 -6.32 -5.91 -20.82
N TYR A 133 -5.27 -5.25 -21.33
CA TYR A 133 -4.04 -4.96 -20.56
C TYR A 133 -4.35 -4.36 -19.16
N PRO A 134 -5.23 -3.34 -19.07
CA PRO A 134 -5.47 -2.72 -17.77
C PRO A 134 -6.10 -3.60 -16.71
N HIS A 135 -6.20 -4.91 -16.94
CA HIS A 135 -7.07 -5.74 -16.09
C HIS A 135 -6.30 -6.80 -15.30
N TYR A 136 -4.97 -6.68 -15.24
CA TYR A 136 -4.14 -7.71 -14.58
C TYR A 136 -3.40 -7.18 -13.37
N CYS A 137 -3.96 -6.17 -12.73
CA CYS A 137 -3.34 -5.55 -11.56
C CYS A 137 -4.22 -5.70 -10.32
N ASP A 138 -3.93 -6.74 -9.55
CA ASP A 138 -4.67 -7.03 -8.33
C ASP A 138 -4.18 -6.13 -7.21
N THR A 139 -4.97 -5.12 -6.84
CA THR A 139 -4.49 -4.12 -5.89
C THR A 139 -4.75 -4.53 -4.45
N THR A 140 -5.30 -5.72 -4.25
CA THR A 140 -5.45 -6.24 -2.90
C THR A 140 -4.18 -6.93 -2.46
N GLN A 141 -3.23 -7.11 -3.36
CA GLN A 141 -1.91 -7.58 -2.97
C GLN A 141 -1.15 -6.39 -2.41
N SER A 142 -0.50 -6.59 -1.27
CA SER A 142 0.25 -5.53 -0.59
C SER A 142 1.27 -4.80 -1.47
N TYR A 143 1.92 -5.53 -2.36
CA TYR A 143 3.03 -4.98 -3.15
C TYR A 143 2.54 -4.24 -4.39
N GLY A 144 1.24 -4.28 -4.67
CA GLY A 144 0.63 -3.42 -5.70
C GLY A 144 1.21 -3.61 -7.09
N CYS A 145 1.12 -2.56 -7.92
CA CYS A 145 1.48 -2.64 -9.33
C CYS A 145 2.51 -1.57 -9.72
N PRO A 146 3.70 -1.65 -9.13
CA PRO A 146 4.70 -0.61 -9.24
C PRO A 146 4.98 -0.17 -10.68
N ALA A 147 5.00 -1.12 -11.62
CA ALA A 147 5.37 -0.84 -13.00
C ALA A 147 4.22 -0.31 -13.84
N GLY A 148 3.01 -0.24 -13.25
CA GLY A 148 1.88 0.35 -13.93
C GLY A 148 0.62 -0.50 -13.84
N GLN A 149 -0.52 0.17 -13.71
CA GLN A 149 -1.82 -0.47 -13.64
C GLN A 149 -2.10 -1.43 -14.80
N ALA A 150 -1.53 -1.15 -15.97
CA ALA A 150 -1.77 -1.95 -17.18
C ALA A 150 -0.45 -2.54 -17.70
N ALA A 151 0.39 -3.02 -16.79
CA ALA A 151 1.72 -3.47 -17.17
C ALA A 151 1.92 -4.97 -16.96
N TYR A 152 0.90 -5.64 -16.43
CA TYR A 152 1.07 -7.05 -16.09
C TYR A 152 0.33 -7.99 -17.06
N TYR A 153 0.26 -7.56 -18.32
CA TYR A 153 -0.37 -8.31 -19.37
C TYR A 153 0.51 -9.49 -19.77
N GLY A 154 -0.06 -10.43 -20.52
CA GLY A 154 0.63 -11.68 -20.82
C GLY A 154 1.89 -11.50 -21.64
N ARG A 155 2.98 -12.11 -21.19
CA ARG A 155 4.21 -12.16 -21.97
C ARG A 155 4.83 -13.57 -21.98
N GLY A 156 5.54 -13.89 -23.05
CA GLY A 156 6.36 -15.11 -23.11
C GLY A 156 5.55 -16.39 -23.24
N PRO A 157 6.25 -17.53 -23.27
CA PRO A 157 5.74 -18.84 -23.63
C PRO A 157 4.57 -19.30 -22.82
N ILE A 158 4.39 -18.82 -21.60
CA ILE A 158 3.19 -19.21 -20.85
C ILE A 158 2.26 -18.03 -20.66
N GLN A 159 2.59 -16.92 -21.33
CA GLN A 159 1.87 -15.64 -21.22
C GLN A 159 1.62 -15.28 -19.77
N LEU A 160 2.71 -15.16 -19.03
CA LEU A 160 2.69 -14.80 -17.63
C LEU A 160 1.97 -13.49 -17.47
N SER A 161 1.04 -13.44 -16.53
CA SER A 161 0.15 -12.30 -16.32
C SER A 161 -0.20 -12.12 -14.86
N TRP A 162 -0.68 -10.91 -14.52
CA TRP A 162 -1.01 -10.55 -13.14
C TRP A 162 0.22 -10.13 -12.32
N ASN A 163 0.07 -9.01 -11.61
CA ASN A 163 1.11 -8.54 -10.72
C ASN A 163 1.52 -9.62 -9.74
N PHE A 164 0.57 -10.36 -9.19
CA PHE A 164 0.94 -11.36 -8.22
C PHE A 164 1.81 -12.43 -8.81
N ASN A 165 1.59 -12.77 -10.08
CA ASN A 165 2.36 -13.84 -10.70
C ASN A 165 3.74 -13.38 -11.12
N TYR A 166 3.86 -12.12 -11.46
CA TYR A 166 5.16 -11.56 -11.81
C TYR A 166 6.05 -11.49 -10.58
N LYS A 167 5.51 -10.92 -9.50
CA LYS A 167 6.13 -10.93 -8.17
C LYS A 167 6.65 -12.31 -7.83
N ALA A 168 5.73 -13.26 -7.64
CA ALA A 168 6.07 -14.63 -7.26
C ALA A 168 7.15 -15.26 -8.15
N ALA A 169 6.99 -15.11 -9.47
CA ALA A 169 7.93 -15.66 -10.43
C ALA A 169 9.28 -15.01 -10.28
N GLY A 170 9.25 -13.70 -10.00
CA GLY A 170 10.46 -12.91 -9.78
C GLY A 170 11.27 -13.41 -8.58
N ASP A 171 10.57 -13.58 -7.45
CA ASP A 171 11.14 -14.14 -6.25
C ASP A 171 11.77 -15.48 -6.59
N ALA A 172 11.02 -16.33 -7.26
CA ALA A 172 11.52 -17.68 -7.51
C ALA A 172 12.73 -17.64 -8.39
N LEU A 173 12.92 -16.58 -9.17
CA LEU A 173 14.01 -16.60 -10.12
C LEU A 173 15.05 -15.56 -9.78
N GLY A 174 14.85 -14.89 -8.65
CA GLY A 174 15.77 -13.84 -8.23
C GLY A 174 15.91 -12.78 -9.28
N ILE A 175 14.80 -12.38 -9.89
CA ILE A 175 14.78 -11.27 -10.82
C ILE A 175 13.59 -10.42 -10.42
N ASN A 176 13.75 -9.10 -10.46
CA ASN A 176 12.64 -8.28 -10.04
C ASN A 176 11.65 -7.95 -11.17
N LEU A 177 10.78 -8.93 -11.42
CA LEU A 177 9.82 -8.85 -12.50
C LEU A 177 8.64 -8.00 -12.09
N LEU A 178 8.45 -7.79 -10.78
CA LEU A 178 7.35 -6.93 -10.35
C LEU A 178 7.62 -5.50 -10.75
N ALA A 179 8.88 -5.08 -10.62
CA ALA A 179 9.22 -3.68 -10.88
C ALA A 179 9.45 -3.51 -12.35
N ASN A 180 10.07 -4.52 -12.95
CA ASN A 180 10.24 -4.50 -14.39
C ASN A 180 9.72 -5.77 -15.12
N PRO A 181 8.38 -5.82 -15.36
CA PRO A 181 7.74 -6.95 -16.01
C PRO A 181 8.12 -7.07 -17.47
N TYR A 182 8.60 -5.97 -18.07
CA TYR A 182 8.98 -5.96 -19.50
C TYR A 182 10.17 -6.86 -19.78
N LEU A 183 10.90 -7.25 -18.75
CA LEU A 183 12.02 -8.14 -18.97
C LEU A 183 11.57 -9.42 -19.66
N VAL A 184 10.34 -9.83 -19.38
CA VAL A 184 9.76 -11.04 -19.97
C VAL A 184 9.59 -10.91 -21.49
N GLU A 185 9.09 -9.77 -21.96
CA GLU A 185 9.04 -9.55 -23.41
C GLU A 185 10.40 -9.27 -24.03
N GLN A 186 11.37 -8.83 -23.22
CA GLN A 186 12.68 -8.47 -23.74
C GLN A 186 13.70 -9.58 -23.75
N ASP A 187 13.77 -10.35 -22.68
CA ASP A 187 14.83 -11.35 -22.59
C ASP A 187 14.30 -12.77 -22.78
N PRO A 188 14.75 -13.45 -23.84
CA PRO A 188 14.23 -14.81 -24.09
C PRO A 188 14.43 -15.77 -22.92
N ALA A 189 15.62 -15.75 -22.31
CA ALA A 189 15.96 -16.66 -21.22
C ALA A 189 15.10 -16.38 -19.99
N VAL A 190 14.87 -15.11 -19.71
CA VAL A 190 13.94 -14.75 -18.67
C VAL A 190 12.58 -15.33 -19.01
N ALA A 191 12.18 -15.17 -20.28
CA ALA A 191 10.82 -15.54 -20.73
C ALA A 191 10.60 -17.03 -20.68
N TRP A 192 11.58 -17.80 -21.17
CA TRP A 192 11.51 -19.23 -21.06
C TRP A 192 11.39 -19.65 -19.59
N LYS A 193 12.23 -19.06 -18.74
CA LYS A 193 12.27 -19.38 -17.34
C LYS A 193 10.93 -19.15 -16.66
N THR A 194 10.27 -18.02 -16.96
CA THR A 194 8.92 -17.76 -16.44
C THR A 194 7.93 -18.84 -16.87
N GLY A 195 8.15 -19.42 -18.04
CA GLY A 195 7.32 -20.54 -18.45
C GLY A 195 7.54 -21.73 -17.56
N LEU A 196 8.79 -22.19 -17.49
CA LEU A 196 9.16 -23.34 -16.68
C LEU A 196 8.78 -23.10 -15.24
N TRP A 197 8.96 -21.84 -14.78
CA TRP A 197 8.53 -21.46 -13.46
C TRP A 197 7.11 -21.95 -13.24
N TYR A 198 6.18 -21.39 -14.00
CA TYR A 198 4.75 -21.70 -13.91
C TYR A 198 4.51 -23.20 -14.02
N TRP A 199 5.07 -23.79 -15.06
CA TRP A 199 4.87 -25.19 -15.32
C TRP A 199 5.14 -26.04 -14.09
N ASN A 200 6.19 -25.67 -13.37
CA ASN A 200 6.73 -26.51 -12.32
C ASN A 200 6.31 -26.17 -10.89
N SER A 201 5.72 -25.01 -10.66
CA SER A 201 5.44 -24.60 -9.29
C SER A 201 4.02 -24.09 -9.04
N GLN A 202 3.23 -23.94 -10.09
CA GLN A 202 1.96 -23.23 -9.95
C GLN A 202 0.75 -24.12 -9.96
N ASN A 203 -0.23 -23.77 -9.15
CA ASN A 203 -1.49 -24.51 -9.15
C ASN A 203 -2.56 -23.82 -9.94
N GLY A 204 -2.47 -22.49 -10.02
CA GLY A 204 -3.47 -21.71 -10.72
C GLY A 204 -4.86 -22.15 -10.34
N PRO A 205 -5.78 -22.20 -11.31
CA PRO A 205 -7.15 -22.54 -10.94
C PRO A 205 -7.37 -24.03 -10.68
N GLY A 206 -6.33 -24.85 -10.83
CA GLY A 206 -6.38 -26.28 -10.48
C GLY A 206 -5.73 -26.59 -9.12
N THR A 207 -5.31 -27.85 -8.94
CA THR A 207 -4.92 -28.38 -7.63
C THR A 207 -3.58 -29.14 -7.64
N MET A 208 -2.77 -28.93 -8.67
CA MET A 208 -1.41 -29.47 -8.73
C MET A 208 -0.52 -28.68 -9.70
N THR A 209 0.77 -28.97 -9.70
CA THR A 209 1.61 -28.37 -10.73
C THR A 209 1.44 -29.20 -11.99
N PRO A 210 1.28 -28.51 -13.15
CA PRO A 210 1.28 -29.16 -14.45
C PRO A 210 2.31 -30.26 -14.49
N HIS A 211 3.51 -29.98 -13.94
CA HIS A 211 4.62 -30.95 -13.85
C HIS A 211 4.20 -32.27 -13.19
N ASN A 212 3.56 -32.18 -12.03
CA ASN A 212 3.07 -33.37 -11.36
C ASN A 212 1.92 -33.96 -12.14
N ALA A 213 0.96 -33.14 -12.53
CA ALA A 213 -0.14 -33.64 -13.36
C ALA A 213 0.42 -34.67 -14.35
N ILE A 214 1.57 -34.41 -14.93
CA ILE A 214 2.12 -35.34 -15.91
C ILE A 214 2.87 -36.50 -15.25
N VAL A 215 3.79 -36.16 -14.34
CA VAL A 215 4.66 -37.09 -13.64
C VAL A 215 3.90 -38.06 -12.71
N ASN A 216 2.82 -37.59 -12.11
CA ASN A 216 1.92 -38.48 -11.38
C ASN A 216 0.89 -39.18 -12.24
N ASN A 217 1.07 -39.08 -13.56
CA ASN A 217 0.22 -39.74 -14.52
C ASN A 217 -1.24 -39.38 -14.25
N ALA A 218 -1.44 -38.15 -13.77
CA ALA A 218 -2.74 -37.61 -13.37
C ALA A 218 -3.53 -37.17 -14.58
N GLY A 219 -2.85 -37.04 -15.73
CA GLY A 219 -3.49 -36.76 -17.03
C GLY A 219 -3.32 -35.32 -17.53
N PHE A 220 -3.09 -35.20 -18.83
CA PHE A 220 -2.93 -33.89 -19.49
C PHE A 220 -4.08 -32.93 -19.18
N GLY A 221 -5.26 -33.51 -18.99
CA GLY A 221 -6.40 -32.71 -18.60
C GLY A 221 -6.06 -31.79 -17.46
N GLU A 222 -5.18 -32.26 -16.60
CA GLU A 222 -4.93 -31.53 -15.39
C GLU A 222 -3.98 -30.35 -15.60
N THR A 223 -3.03 -30.50 -16.54
CA THR A 223 -2.22 -29.36 -16.97
C THR A 223 -3.15 -28.24 -17.50
N ILE A 224 -4.19 -28.61 -18.25
CA ILE A 224 -5.17 -27.63 -18.73
C ILE A 224 -5.76 -26.94 -17.52
N ARG A 225 -6.19 -27.72 -16.53
CA ARG A 225 -6.91 -27.13 -15.40
C ARG A 225 -6.06 -26.11 -14.64
N SER A 226 -4.80 -26.44 -14.41
CA SER A 226 -3.94 -25.58 -13.59
C SER A 226 -3.37 -24.39 -14.38
N ILE A 227 -3.43 -24.48 -15.71
CA ILE A 227 -3.05 -23.36 -16.53
C ILE A 227 -4.21 -22.39 -16.74
N ASN A 228 -5.43 -22.89 -16.93
CA ASN A 228 -6.56 -21.99 -17.20
C ASN A 228 -7.95 -22.47 -16.75
N GLY A 229 -8.02 -23.75 -16.38
CA GLY A 229 -9.12 -24.41 -15.63
C GLY A 229 -10.39 -23.60 -15.46
N ALA A 230 -10.34 -22.57 -14.59
CA ALA A 230 -11.47 -21.66 -14.32
C ALA A 230 -12.23 -21.27 -15.56
N LEU A 231 -11.55 -20.67 -16.54
CA LEU A 231 -12.18 -20.35 -17.83
C LEU A 231 -12.45 -21.53 -18.74
N GLU A 232 -11.53 -22.49 -18.81
CA GLU A 232 -11.65 -23.54 -19.83
C GLU A 232 -12.38 -24.84 -19.46
N CYS A 233 -12.07 -25.46 -18.32
CA CYS A 233 -12.67 -26.76 -17.94
C CYS A 233 -14.16 -26.71 -17.58
N ASN A 234 -14.77 -27.88 -17.47
CA ASN A 234 -16.15 -27.98 -17.02
C ASN A 234 -17.13 -27.31 -17.93
N GLY A 235 -16.83 -27.29 -19.22
CA GLY A 235 -17.66 -26.62 -20.21
C GLY A 235 -17.32 -25.16 -20.31
N GLY A 236 -16.49 -24.67 -19.41
CA GLY A 236 -16.08 -23.29 -19.45
C GLY A 236 -15.89 -22.82 -20.88
N ASN A 237 -15.07 -23.56 -21.63
CA ASN A 237 -14.79 -23.26 -23.02
C ASN A 237 -14.18 -24.47 -23.72
N PRO A 238 -15.01 -25.30 -24.35
CA PRO A 238 -14.41 -26.52 -24.88
C PRO A 238 -13.59 -26.30 -26.18
N ALA A 239 -13.82 -25.18 -26.86
CA ALA A 239 -13.00 -24.84 -28.01
C ALA A 239 -11.51 -24.86 -27.68
N GLN A 240 -11.19 -24.36 -26.48
CA GLN A 240 -9.80 -24.14 -26.08
C GLN A 240 -9.18 -25.36 -25.52
N VAL A 241 -9.95 -26.11 -24.74
CA VAL A 241 -9.58 -27.46 -24.30
C VAL A 241 -9.13 -28.28 -25.50
N GLN A 242 -9.91 -28.23 -26.58
CA GLN A 242 -9.59 -28.97 -27.80
C GLN A 242 -8.28 -28.50 -28.45
N SER A 243 -8.10 -27.18 -28.55
CA SER A 243 -6.86 -26.66 -29.09
C SER A 243 -5.68 -27.29 -28.36
N ARG A 244 -5.74 -27.21 -27.03
CA ARG A 244 -4.69 -27.73 -26.19
C ARG A 244 -4.43 -29.20 -26.48
N ILE A 245 -5.46 -30.03 -26.35
CA ILE A 245 -5.35 -31.47 -26.64
C ILE A 245 -4.81 -31.75 -28.06
N ASN A 246 -5.36 -31.05 -29.06
CA ASN A 246 -4.92 -31.24 -30.43
C ASN A 246 -3.40 -31.08 -30.50
N LYS A 247 -2.90 -29.95 -30.00
CA LYS A 247 -1.46 -29.67 -30.00
C LYS A 247 -0.70 -30.77 -29.27
N PHE A 248 -1.26 -31.21 -28.14
CA PHE A 248 -0.69 -32.31 -27.38
C PHE A 248 -0.59 -33.62 -28.19
N THR A 249 -1.61 -33.89 -29.03
CA THR A 249 -1.56 -35.08 -29.90
C THR A 249 -0.49 -34.94 -30.99
N GLN A 250 -0.45 -33.76 -31.61
CA GLN A 250 0.49 -33.42 -32.66
C GLN A 250 1.90 -33.63 -32.11
N PHE A 251 2.14 -33.06 -30.92
CA PHE A 251 3.49 -32.97 -30.37
C PHE A 251 4.02 -34.29 -29.86
N THR A 252 3.18 -35.06 -29.18
CA THR A 252 3.55 -36.40 -28.71
C THR A 252 3.86 -37.27 -29.93
N GLN A 253 2.98 -37.21 -30.93
CA GLN A 253 3.25 -37.86 -32.19
C GLN A 253 4.64 -37.47 -32.69
N ILE A 254 4.97 -36.17 -32.69
CA ILE A 254 6.29 -35.68 -33.15
C ILE A 254 7.47 -36.29 -32.40
N LEU A 255 7.31 -36.50 -31.10
CA LEU A 255 8.43 -36.98 -30.29
C LEU A 255 8.46 -38.49 -30.22
N GLY A 256 7.48 -39.14 -30.82
CA GLY A 256 7.36 -40.58 -30.74
C GLY A 256 6.86 -41.06 -29.37
N THR A 257 6.16 -40.24 -28.60
CA THR A 257 5.62 -40.72 -27.31
C THR A 257 4.08 -40.80 -27.29
N THR A 258 3.50 -41.32 -26.21
CA THR A 258 2.06 -41.44 -26.07
C THR A 258 1.44 -40.32 -25.20
N THR A 259 0.14 -40.04 -25.38
CA THR A 259 -0.49 -38.94 -24.65
C THR A 259 -0.84 -39.32 -23.23
N GLY A 260 -1.14 -40.59 -23.03
CA GLY A 260 -1.56 -41.04 -21.70
C GLY A 260 -3.00 -40.71 -21.44
N PRO A 261 -3.50 -41.05 -20.24
CA PRO A 261 -4.92 -40.94 -19.94
C PRO A 261 -5.43 -39.53 -19.63
N ASN A 262 -6.73 -39.47 -19.34
CA ASN A 262 -7.44 -38.26 -18.96
C ASN A 262 -6.91 -36.98 -19.57
N LEU A 263 -7.13 -36.85 -20.87
CA LEU A 263 -6.66 -35.72 -21.67
C LEU A 263 -7.46 -34.43 -21.52
N SER A 264 -8.66 -34.53 -20.97
CA SER A 264 -9.64 -33.46 -21.08
C SER A 264 -10.01 -32.84 -19.71
N CYS A 265 -10.86 -31.81 -19.68
CA CYS A 265 -11.41 -31.33 -18.42
C CYS A 265 -12.70 -30.54 -18.63
N GLY B 61 -0.06 36.09 28.07
CA GLY B 61 1.19 35.29 27.90
C GLY B 61 0.97 34.04 27.07
N PHE B 62 1.99 33.16 27.04
CA PHE B 62 2.06 31.95 26.20
C PHE B 62 0.92 30.95 26.46
N VAL B 63 0.37 30.36 25.40
CA VAL B 63 -0.79 29.47 25.57
C VAL B 63 -0.44 28.07 26.15
N VAL B 64 0.86 27.77 26.15
CA VAL B 64 1.40 26.58 26.80
C VAL B 64 1.93 26.99 28.17
N SER B 65 1.27 26.54 29.22
CA SER B 65 1.66 26.82 30.60
C SER B 65 2.89 26.02 30.93
N GLU B 66 3.62 26.40 31.97
CA GLU B 66 4.76 25.58 32.36
C GLU B 66 4.34 24.13 32.72
N ALA B 67 3.18 23.98 33.35
CA ALA B 67 2.71 22.65 33.72
C ALA B 67 2.56 21.84 32.46
N GLN B 68 1.89 22.43 31.48
CA GLN B 68 1.62 21.78 30.22
C GLN B 68 2.89 21.46 29.46
N PHE B 69 3.81 22.42 29.41
CA PHE B 69 5.14 22.22 28.85
C PHE B 69 5.79 20.97 29.39
N ASN B 70 5.77 20.83 30.71
CA ASN B 70 6.44 19.70 31.36
C ASN B 70 5.73 18.40 31.14
N GLN B 71 4.42 18.49 31.02
CA GLN B 71 3.59 17.33 30.75
C GLN B 71 3.89 16.80 29.36
N MET B 72 4.29 17.72 28.48
CA MET B 72 4.70 17.39 27.12
C MET B 72 6.09 16.83 27.08
N PHE B 73 6.99 17.34 27.91
CA PHE B 73 8.35 16.84 27.88
C PHE B 73 8.78 16.35 29.25
N PRO B 74 8.21 15.20 29.69
CA PRO B 74 8.58 14.81 31.05
C PRO B 74 10.05 14.41 31.16
N ASN B 75 10.69 14.11 30.04
CA ASN B 75 12.10 13.72 30.09
C ASN B 75 13.04 14.78 29.55
N ARG B 76 12.58 16.03 29.51
CA ARG B 76 13.40 17.09 28.93
C ARG B 76 14.66 17.33 29.71
N ASN B 77 15.75 17.47 28.99
CA ASN B 77 17.03 17.86 29.55
C ASN B 77 16.90 19.12 30.40
N ALA B 78 17.72 19.23 31.42
CA ALA B 78 17.68 20.42 32.29
C ALA B 78 17.95 21.69 31.49
N PHE B 79 18.78 21.58 30.47
CA PHE B 79 19.15 22.69 29.61
C PHE B 79 17.96 23.41 28.97
N TYR B 80 17.02 22.66 28.41
CA TYR B 80 15.82 23.25 27.83
C TYR B 80 14.87 23.76 28.91
N THR B 81 15.13 24.96 29.38
CA THR B 81 14.28 25.60 30.38
C THR B 81 13.02 26.17 29.73
N TYR B 82 11.91 26.15 30.48
CA TYR B 82 10.68 26.78 30.03
C TYR B 82 10.86 28.27 29.87
N LYS B 83 11.56 28.87 30.83
CA LYS B 83 11.91 30.28 30.80
C LYS B 83 12.49 30.64 29.45
N GLY B 84 13.56 29.95 29.06
CA GLY B 84 14.30 30.26 27.85
C GLY B 84 13.42 30.21 26.60
N LEU B 85 12.38 29.38 26.63
CA LEU B 85 11.46 29.30 25.50
C LEU B 85 10.67 30.59 25.45
N THR B 86 9.97 30.92 26.54
CA THR B 86 9.24 32.19 26.64
C THR B 86 10.11 33.43 26.33
N ASP B 87 11.38 33.42 26.71
CA ASP B 87 12.25 34.52 26.29
C ASP B 87 12.32 34.69 24.79
N ALA B 88 12.51 33.58 24.08
CA ALA B 88 12.57 33.58 22.61
C ALA B 88 11.25 33.94 21.91
N LEU B 89 10.11 33.80 22.60
CA LEU B 89 8.84 34.14 21.97
C LEU B 89 8.85 35.58 21.43
N SER B 90 9.52 36.46 22.17
CA SER B 90 9.64 37.88 21.82
C SER B 90 10.21 38.07 20.41
N ALA B 91 11.21 37.28 20.03
CA ALA B 91 11.82 37.45 18.70
C ALA B 91 10.92 37.08 17.50
N TYR B 92 9.86 36.31 17.73
CA TYR B 92 8.98 35.97 16.62
C TYR B 92 7.53 36.26 16.95
N PRO B 93 7.20 37.57 17.07
CA PRO B 93 5.98 38.09 17.67
C PRO B 93 4.72 37.39 17.17
N ALA B 94 4.77 36.92 15.92
CA ALA B 94 3.59 36.35 15.25
C ALA B 94 3.25 34.96 15.78
N PHE B 95 4.28 34.29 16.31
CA PHE B 95 4.23 32.85 16.61
C PHE B 95 3.34 32.55 17.78
N ALA B 96 2.29 31.76 17.54
CA ALA B 96 1.39 31.28 18.59
C ALA B 96 0.53 32.41 19.14
N LYS B 97 0.72 33.59 18.54
CA LYS B 97 -0.14 34.75 18.74
C LYS B 97 -1.16 34.89 17.59
N THR B 98 -0.80 34.42 16.39
CA THR B 98 -1.64 34.49 15.17
C THR B 98 -2.82 33.49 15.22
N GLY B 99 -3.98 33.90 14.69
CA GLY B 99 -5.16 33.03 14.60
C GLY B 99 -6.04 33.07 15.85
N SER B 100 -7.16 32.34 15.84
CA SER B 100 -8.06 32.24 17.00
C SER B 100 -7.34 31.62 18.18
N ASP B 101 -8.05 31.32 19.25
CA ASP B 101 -7.35 30.76 20.41
C ASP B 101 -7.03 29.28 20.22
N GLU B 102 -8.02 28.55 19.73
CA GLU B 102 -7.85 27.20 19.25
C GLU B 102 -6.62 27.12 18.33
N VAL B 103 -6.45 28.12 17.48
CA VAL B 103 -5.38 28.08 16.48
C VAL B 103 -4.00 28.42 17.05
N LYS B 104 -3.94 29.42 17.96
CA LYS B 104 -2.68 29.77 18.68
C LYS B 104 -2.10 28.52 19.37
N LYS B 105 -2.99 27.76 20.02
CA LYS B 105 -2.66 26.55 20.75
C LYS B 105 -2.17 25.44 19.83
N ARG B 106 -2.93 25.16 18.77
CA ARG B 106 -2.51 24.22 17.74
C ARG B 106 -1.08 24.51 17.22
N GLU B 107 -0.79 25.75 16.84
CA GLU B 107 0.54 26.09 16.39
C GLU B 107 1.62 25.79 17.44
N ALA B 108 1.26 25.94 18.71
CA ALA B 108 2.21 25.65 19.78
C ALA B 108 2.47 24.12 19.89
N ALA B 109 1.38 23.34 19.91
CA ALA B 109 1.48 21.89 19.87
C ALA B 109 2.28 21.43 18.67
N ALA B 110 2.00 22.01 17.51
CA ALA B 110 2.66 21.66 16.27
C ALA B 110 4.15 21.91 16.36
N PHE B 111 4.54 23.10 16.81
CA PHE B 111 5.96 23.40 16.92
C PHE B 111 6.60 22.44 17.89
N LEU B 112 5.97 22.32 19.06
CA LEU B 112 6.51 21.51 20.15
C LEU B 112 6.63 20.00 19.81
N ALA B 113 5.60 19.48 19.12
CA ALA B 113 5.60 18.07 18.65
C ALA B 113 6.76 17.79 17.74
N ASN B 114 7.03 18.71 16.81
CA ASN B 114 8.18 18.54 15.95
C ASN B 114 9.49 18.56 16.69
N VAL B 115 9.53 19.40 17.72
CA VAL B 115 10.71 19.58 18.56
C VAL B 115 10.93 18.28 19.30
N SER B 116 9.83 17.70 19.82
CA SER B 116 9.94 16.44 20.53
C SER B 116 10.51 15.37 19.64
N HIS B 117 10.07 15.34 18.38
CA HIS B 117 10.60 14.35 17.46
C HIS B 117 12.05 14.62 17.12
N GLU B 118 12.45 15.86 17.10
CA GLU B 118 13.82 16.17 16.76
C GLU B 118 14.81 15.79 17.85
N THR B 119 14.37 15.74 19.11
CA THR B 119 15.30 15.69 20.24
C THR B 119 15.06 14.53 21.22
N GLY B 120 14.11 13.67 20.86
CA GLY B 120 13.70 12.63 21.76
C GLY B 120 13.13 13.21 23.02
N GLY B 121 11.98 13.86 22.87
CA GLY B 121 11.29 14.47 24.01
C GLY B 121 12.12 15.51 24.72
N LEU B 122 12.98 16.21 23.95
CA LEU B 122 13.84 17.27 24.47
C LEU B 122 14.88 16.71 25.40
N PHE B 123 15.11 15.41 25.28
CA PHE B 123 16.07 14.73 26.15
C PHE B 123 17.49 15.07 25.71
N TYR B 124 17.68 15.22 24.40
CA TYR B 124 19.01 15.43 23.83
C TYR B 124 19.25 16.88 23.40
N ILE B 125 20.40 17.41 23.77
CA ILE B 125 20.88 18.69 23.28
C ILE B 125 21.51 18.54 21.89
N LYS B 126 22.64 17.82 21.81
CA LYS B 126 23.33 17.63 20.53
C LYS B 126 22.79 16.44 19.74
N GLU B 127 23.12 16.40 18.45
CA GLU B 127 22.85 15.25 17.58
C GLU B 127 23.56 14.04 18.18
N VAL B 128 22.92 12.88 18.17
CA VAL B 128 23.49 11.73 18.92
C VAL B 128 24.64 11.03 18.19
N ASN B 129 24.45 10.74 16.91
CA ASN B 129 25.45 9.98 16.14
C ASN B 129 26.70 10.76 15.76
N GLU B 130 27.71 10.75 16.65
CA GLU B 130 28.96 11.47 16.42
C GLU B 130 29.71 11.11 15.15
N ALA B 131 29.37 9.98 14.55
CA ALA B 131 29.97 9.58 13.28
C ALA B 131 29.67 10.57 12.18
N ASN B 132 28.49 11.22 12.26
CA ASN B 132 28.00 12.14 11.25
C ASN B 132 28.44 13.60 11.36
N TYR B 133 28.91 13.96 12.54
CA TYR B 133 29.36 15.32 12.82
C TYR B 133 30.15 15.93 11.62
N PRO B 134 31.16 15.22 11.06
CA PRO B 134 31.76 15.69 9.79
C PRO B 134 30.84 15.86 8.57
N HIS B 135 29.75 15.11 8.49
CA HIS B 135 28.89 15.12 7.31
C HIS B 135 28.19 16.48 7.08
N TYR B 136 28.53 17.53 7.83
CA TYR B 136 27.63 18.71 7.91
C TYR B 136 28.30 20.04 7.51
N CYS B 137 29.42 20.02 6.78
CA CYS B 137 30.08 21.27 6.34
C CYS B 137 30.10 21.44 4.84
N ASP B 138 29.09 22.12 4.31
CA ASP B 138 29.07 22.52 2.90
C ASP B 138 30.22 23.50 2.68
N THR B 139 31.13 23.18 1.75
CA THR B 139 32.32 24.00 1.47
C THR B 139 32.11 24.95 0.30
N THR B 140 31.14 24.62 -0.58
CA THR B 140 30.72 25.48 -1.70
C THR B 140 30.07 26.83 -1.28
N GLN B 141 30.50 27.37 -0.14
CA GLN B 141 29.97 28.60 0.46
C GLN B 141 31.14 29.48 0.77
N SER B 142 31.12 30.69 0.23
CA SER B 142 32.19 31.66 0.43
C SER B 142 32.73 31.76 1.88
N TYR B 143 31.85 31.60 2.87
CA TYR B 143 32.19 31.80 4.29
C TYR B 143 32.75 30.55 4.93
N GLY B 144 32.44 29.38 4.36
CA GLY B 144 33.05 28.09 4.75
C GLY B 144 32.64 27.58 6.14
N CYS B 145 33.63 27.07 6.88
CA CYS B 145 33.39 26.38 8.14
C CYS B 145 34.36 26.82 9.24
N PRO B 146 34.27 28.09 9.69
CA PRO B 146 35.22 28.71 10.65
C PRO B 146 35.32 28.08 12.05
N ALA B 147 34.38 27.22 12.44
CA ALA B 147 34.45 26.57 13.75
C ALA B 147 35.03 25.14 13.70
N GLY B 148 35.45 24.71 12.52
CA GLY B 148 35.79 23.32 12.24
C GLY B 148 34.80 22.71 11.28
N GLN B 149 35.25 21.79 10.44
CA GLN B 149 34.38 21.29 9.37
C GLN B 149 33.44 20.15 9.84
N ALA B 150 33.56 19.81 11.11
CA ALA B 150 32.70 18.81 11.73
C ALA B 150 32.02 19.40 12.94
N ALA B 151 31.82 20.72 12.91
CA ALA B 151 31.21 21.42 14.03
C ALA B 151 29.78 21.88 13.74
N TYR B 152 29.18 21.41 12.64
CA TYR B 152 27.83 21.87 12.30
C TYR B 152 26.81 20.75 12.35
N TYR B 153 26.88 19.99 13.44
CA TYR B 153 25.91 18.94 13.73
C TYR B 153 24.70 19.51 14.46
N GLY B 154 23.59 18.77 14.41
CA GLY B 154 22.33 19.20 15.02
C GLY B 154 22.49 19.63 16.47
N ARG B 155 21.95 20.81 16.78
CA ARG B 155 21.86 21.28 18.15
C ARG B 155 20.45 21.84 18.41
N GLY B 156 20.04 21.81 19.66
CA GLY B 156 18.81 22.51 20.11
C GLY B 156 17.52 21.89 19.60
N PRO B 157 16.39 22.60 19.80
CA PRO B 157 15.01 22.09 19.65
C PRO B 157 14.65 21.67 18.24
N ILE B 158 15.37 22.19 17.26
CA ILE B 158 15.07 21.81 15.87
C ILE B 158 16.24 21.08 15.24
N GLN B 159 17.30 20.90 16.03
CA GLN B 159 18.45 20.14 15.60
C GLN B 159 19.05 20.84 14.39
N LEU B 160 19.28 22.13 14.57
CA LEU B 160 19.87 22.98 13.56
C LEU B 160 21.19 22.40 13.14
N SER B 161 21.32 22.13 11.84
CA SER B 161 22.53 21.52 11.30
C SER B 161 22.94 22.21 10.02
N TRP B 162 24.21 22.03 9.65
CA TRP B 162 24.84 22.59 8.43
C TRP B 162 25.37 23.99 8.64
N ASN B 163 26.58 24.25 8.15
CA ASN B 163 27.18 25.59 8.25
C ASN B 163 26.26 26.69 7.71
N PHE B 164 25.58 26.41 6.59
CA PHE B 164 24.72 27.42 5.96
C PHE B 164 23.52 27.81 6.78
N ASN B 165 22.84 26.83 7.35
CA ASN B 165 21.74 27.12 8.27
C ASN B 165 22.17 27.81 9.56
N TYR B 166 23.39 27.56 9.99
CA TYR B 166 23.95 28.24 11.16
C TYR B 166 24.23 29.73 10.85
N LYS B 167 24.82 29.99 9.69
CA LYS B 167 24.93 31.34 9.12
C LYS B 167 23.56 32.04 9.04
N ALA B 168 22.65 31.55 8.18
CA ALA B 168 21.30 32.13 8.04
C ALA B 168 20.62 32.51 9.37
N ALA B 169 20.55 31.58 10.31
CA ALA B 169 19.90 31.81 11.59
C ALA B 169 20.72 32.76 12.43
N GLY B 170 22.05 32.69 12.28
CA GLY B 170 22.96 33.64 12.95
C GLY B 170 22.67 35.08 12.55
N ASP B 171 22.79 35.32 11.24
CA ASP B 171 22.31 36.53 10.56
C ASP B 171 20.97 36.93 11.11
N ALA B 172 19.94 36.11 10.91
CA ALA B 172 18.60 36.50 11.36
C ALA B 172 18.51 36.96 12.84
N LEU B 173 19.38 36.48 13.72
CA LEU B 173 19.22 36.79 15.15
C LEU B 173 20.31 37.70 15.69
N GLY B 174 21.30 37.97 14.84
CA GLY B 174 22.38 38.87 15.20
C GLY B 174 23.30 38.24 16.21
N ILE B 175 23.60 36.96 15.98
CA ILE B 175 24.59 36.22 16.76
C ILE B 175 25.52 35.59 15.77
N ASN B 176 26.80 35.49 16.10
CA ASN B 176 27.69 34.95 15.10
C ASN B 176 27.78 33.42 15.12
N LEU B 177 26.66 32.76 14.83
CA LEU B 177 26.53 31.32 14.97
C LEU B 177 27.44 30.53 14.01
N LEU B 178 27.81 31.15 12.89
CA LEU B 178 28.79 30.52 12.00
C LEU B 178 30.18 30.45 12.66
N ALA B 179 30.50 31.47 13.46
CA ALA B 179 31.78 31.51 14.15
C ALA B 179 31.77 30.53 15.29
N ASN B 180 30.74 30.63 16.14
CA ASN B 180 30.64 29.87 17.37
C ASN B 180 29.28 29.14 17.46
N PRO B 181 29.18 27.97 16.81
CA PRO B 181 27.94 27.18 16.75
C PRO B 181 27.60 26.53 18.10
N TYR B 182 28.64 26.30 18.90
CA TYR B 182 28.53 25.69 20.22
C TYR B 182 27.65 26.51 21.14
N LEU B 183 27.27 27.69 20.67
CA LEU B 183 26.43 28.57 21.47
C LEU B 183 25.00 28.03 21.48
N VAL B 184 24.66 27.25 20.45
CA VAL B 184 23.33 26.63 20.37
C VAL B 184 23.24 25.55 21.45
N GLU B 185 24.33 24.79 21.63
CA GLU B 185 24.36 23.83 22.72
C GLU B 185 24.54 24.49 24.09
N GLN B 186 25.19 25.66 24.14
CA GLN B 186 25.43 26.39 25.40
C GLN B 186 24.26 27.20 25.99
N ASP B 187 23.57 28.01 25.18
CA ASP B 187 22.58 28.95 25.71
C ASP B 187 21.13 28.56 25.35
N PRO B 188 20.27 28.32 26.36
CA PRO B 188 18.89 27.84 26.14
C PRO B 188 18.05 28.73 25.24
N ALA B 189 18.14 30.04 25.49
CA ALA B 189 17.45 31.09 24.71
C ALA B 189 17.98 31.18 23.26
N VAL B 190 19.30 31.17 23.09
CA VAL B 190 19.88 31.06 21.75
C VAL B 190 19.30 29.82 21.03
N ALA B 191 19.34 28.67 21.70
CA ALA B 191 18.80 27.42 21.16
C ALA B 191 17.34 27.57 20.79
N TRP B 192 16.51 27.94 21.75
CA TRP B 192 15.08 28.10 21.50
C TRP B 192 14.80 29.08 20.34
N LYS B 193 15.62 30.13 20.23
CA LYS B 193 15.49 31.12 19.13
C LYS B 193 15.76 30.50 17.75
N THR B 194 16.88 29.79 17.59
CA THR B 194 17.14 29.02 16.36
C THR B 194 15.99 28.09 15.99
N GLY B 195 15.32 27.55 16.99
CA GLY B 195 14.19 26.69 16.73
C GLY B 195 13.02 27.48 16.18
N LEU B 196 12.71 28.59 16.86
CA LEU B 196 11.64 29.48 16.44
C LEU B 196 11.95 30.16 15.11
N TRP B 197 13.26 30.36 14.84
CA TRP B 197 13.75 30.83 13.56
C TRP B 197 13.30 29.91 12.43
N TYR B 198 13.83 28.68 12.40
CA TYR B 198 13.49 27.70 11.39
C TYR B 198 11.97 27.58 11.22
N TRP B 199 11.26 27.38 12.32
CA TRP B 199 9.81 27.24 12.30
C TRP B 199 9.08 28.37 11.58
N ASN B 200 9.60 29.58 11.71
CA ASN B 200 8.90 30.77 11.23
C ASN B 200 9.45 31.40 9.96
N SER B 201 10.74 31.20 9.70
CA SER B 201 11.40 31.80 8.56
C SER B 201 11.68 30.88 7.37
N GLN B 202 11.67 29.56 7.55
CA GLN B 202 12.18 28.61 6.51
C GLN B 202 11.15 27.67 5.93
N ASN B 203 11.42 27.19 4.72
CA ASN B 203 10.64 26.08 4.18
C ASN B 203 11.42 24.89 3.61
N GLY B 204 12.73 24.83 3.90
CA GLY B 204 13.57 23.62 3.65
C GLY B 204 13.18 22.88 2.38
N PRO B 205 12.83 21.58 2.47
CA PRO B 205 12.38 20.88 1.26
C PRO B 205 10.86 21.00 1.05
N GLY B 206 10.28 22.07 1.57
CA GLY B 206 8.84 22.27 1.47
C GLY B 206 8.50 23.57 0.78
N THR B 207 7.21 23.78 0.59
CA THR B 207 6.68 24.91 -0.16
C THR B 207 6.48 26.19 0.71
N MET B 208 6.01 26.05 1.97
CA MET B 208 5.79 27.17 2.91
C MET B 208 6.57 27.06 4.23
N THR B 209 6.47 28.06 5.11
CA THR B 209 7.04 27.90 6.48
C THR B 209 6.14 27.04 7.37
N PRO B 210 6.74 26.27 8.31
CA PRO B 210 5.91 25.50 9.23
C PRO B 210 4.82 26.36 9.88
N HIS B 211 5.20 27.58 10.29
CA HIS B 211 4.28 28.59 10.84
C HIS B 211 3.04 28.75 9.97
N ASN B 212 3.27 29.10 8.71
CA ASN B 212 2.17 29.37 7.79
C ASN B 212 1.38 28.13 7.44
N ALA B 213 2.05 26.99 7.50
CA ALA B 213 1.40 25.71 7.32
C ALA B 213 0.20 25.61 8.28
N ILE B 214 0.41 25.95 9.55
CA ILE B 214 -0.66 25.84 10.55
C ILE B 214 -1.70 26.96 10.47
N VAL B 215 -1.22 28.21 10.49
CA VAL B 215 -2.03 29.41 10.53
C VAL B 215 -3.03 29.48 9.38
N ASN B 216 -2.57 29.19 8.17
CA ASN B 216 -3.42 29.26 6.97
C ASN B 216 -4.21 28.00 6.74
N ASN B 217 -4.01 27.01 7.60
CA ASN B 217 -4.74 25.75 7.56
C ASN B 217 -4.29 24.72 6.51
N ALA B 218 -3.04 24.84 6.04
CA ALA B 218 -2.45 23.89 5.08
C ALA B 218 -2.36 22.45 5.64
N GLY B 219 -2.39 22.34 6.95
CA GLY B 219 -2.24 21.06 7.64
C GLY B 219 -0.94 20.94 8.41
N PHE B 220 -0.93 20.01 9.36
CA PHE B 220 0.27 19.68 10.10
C PHE B 220 1.33 19.02 9.19
N GLY B 221 0.86 18.28 8.19
CA GLY B 221 1.75 17.57 7.24
C GLY B 221 2.76 18.47 6.56
N GLU B 222 2.35 19.70 6.27
CA GLU B 222 3.24 20.64 5.61
C GLU B 222 4.42 21.02 6.50
N THR B 223 4.18 21.11 7.81
CA THR B 223 5.29 21.30 8.76
C THR B 223 6.30 20.16 8.57
N ILE B 224 5.80 18.92 8.55
CA ILE B 224 6.66 17.77 8.35
C ILE B 224 7.49 18.03 7.10
N ARG B 225 6.80 18.38 6.00
CA ARG B 225 7.43 18.61 4.70
C ARG B 225 8.53 19.65 4.76
N SER B 226 8.23 20.79 5.36
CA SER B 226 9.20 21.87 5.35
C SER B 226 10.34 21.67 6.33
N ILE B 227 10.20 20.68 7.22
CA ILE B 227 11.28 20.33 8.15
C ILE B 227 12.15 19.23 7.57
N ASN B 228 11.52 18.16 7.06
CA ASN B 228 12.29 17.02 6.54
C ASN B 228 11.87 16.46 5.18
N GLY B 229 10.56 16.40 4.93
CA GLY B 229 9.94 16.28 3.58
C GLY B 229 10.74 15.46 2.57
N ALA B 230 11.84 16.05 2.08
CA ALA B 230 12.82 15.37 1.21
C ALA B 230 12.99 13.91 1.60
N LEU B 231 13.30 13.66 2.87
CA LEU B 231 13.57 12.32 3.39
C LEU B 231 12.37 11.58 3.92
N GLU B 232 11.34 12.30 4.34
CA GLU B 232 10.24 11.65 5.06
C GLU B 232 8.94 11.56 4.28
N CYS B 233 8.65 12.57 3.48
CA CYS B 233 7.34 12.65 2.86
C CYS B 233 7.17 11.70 1.68
N ASN B 234 5.93 11.54 1.22
CA ASN B 234 5.63 10.67 0.09
C ASN B 234 6.31 9.31 0.23
N GLY B 235 6.12 8.66 1.36
CA GLY B 235 6.68 7.31 1.59
C GLY B 235 8.17 7.30 1.88
N GLY B 236 8.76 8.48 1.97
CA GLY B 236 10.18 8.61 2.28
C GLY B 236 10.58 7.91 3.57
N ASN B 237 9.72 7.93 4.58
CA ASN B 237 9.98 7.34 5.89
C ASN B 237 8.76 7.41 6.81
N PRO B 238 7.73 6.61 6.51
CA PRO B 238 6.40 6.77 7.16
C PRO B 238 6.41 6.59 8.69
N ALA B 239 7.42 5.88 9.18
CA ALA B 239 7.60 5.62 10.59
C ALA B 239 7.88 6.96 11.28
N GLN B 240 8.86 7.69 10.71
CA GLN B 240 9.19 9.05 11.14
C GLN B 240 7.99 10.02 11.07
N VAL B 241 7.24 9.96 9.97
CA VAL B 241 6.07 10.79 9.81
C VAL B 241 5.08 10.55 10.95
N GLN B 242 4.84 9.28 11.27
CA GLN B 242 3.88 8.90 12.32
C GLN B 242 4.33 9.35 13.68
N SER B 243 5.63 9.33 13.92
CA SER B 243 6.19 9.76 15.16
C SER B 243 5.68 11.17 15.41
N ARG B 244 6.06 12.08 14.51
CA ARG B 244 5.64 13.49 14.54
C ARG B 244 4.12 13.66 14.73
N ILE B 245 3.31 13.00 13.90
CA ILE B 245 1.86 13.14 14.04
C ILE B 245 1.42 12.71 15.41
N ASN B 246 1.98 11.59 15.92
CA ASN B 246 1.58 11.04 17.20
C ASN B 246 1.75 12.09 18.26
N LYS B 247 2.93 12.70 18.31
CA LYS B 247 3.19 13.70 19.33
C LYS B 247 2.31 14.94 19.13
N PHE B 248 1.94 15.23 17.89
CA PHE B 248 0.97 16.30 17.63
C PHE B 248 -0.43 15.93 18.14
N THR B 249 -0.86 14.68 18.00
CA THR B 249 -2.12 14.29 18.60
C THR B 249 -2.03 14.45 20.11
N GLN B 250 -0.92 13.95 20.67
CA GLN B 250 -0.72 13.92 22.12
C GLN B 250 -0.69 15.36 22.68
N PHE B 251 0.10 16.24 22.08
CA PHE B 251 0.25 17.63 22.56
C PHE B 251 -1.00 18.50 22.40
N THR B 252 -1.73 18.36 21.31
CA THR B 252 -2.90 19.23 21.13
C THR B 252 -3.88 18.91 22.22
N GLN B 253 -4.07 17.63 22.49
CA GLN B 253 -4.97 17.19 23.56
C GLN B 253 -4.57 17.77 24.91
N ILE B 254 -3.29 17.69 25.24
CA ILE B 254 -2.76 18.39 26.41
C ILE B 254 -3.21 19.85 26.49
N LEU B 255 -3.18 20.58 25.37
CA LEU B 255 -3.59 22.00 25.35
C LEU B 255 -5.11 22.17 25.25
N GLY B 256 -5.81 21.08 24.93
CA GLY B 256 -7.27 21.13 24.80
C GLY B 256 -7.73 21.55 23.41
N THR B 257 -6.81 21.82 22.49
CA THR B 257 -7.20 22.19 21.13
C THR B 257 -7.31 20.97 20.17
N THR B 258 -7.74 21.22 18.93
CA THR B 258 -7.85 20.20 17.86
C THR B 258 -6.66 20.20 16.87
N THR B 259 -6.50 19.06 16.17
CA THR B 259 -5.35 18.82 15.28
C THR B 259 -5.47 19.62 13.98
N GLY B 260 -6.71 19.82 13.56
CA GLY B 260 -7.00 20.38 12.25
C GLY B 260 -7.01 19.29 11.19
N PRO B 261 -6.83 19.66 9.92
CA PRO B 261 -6.81 18.68 8.86
C PRO B 261 -5.38 18.48 8.36
N ASN B 262 -5.22 17.51 7.45
CA ASN B 262 -3.98 17.32 6.69
C ASN B 262 -2.75 17.00 7.52
N LEU B 263 -2.86 15.90 8.26
CA LEU B 263 -1.86 15.60 9.24
C LEU B 263 -0.60 15.03 8.61
N SER B 264 -0.73 14.11 7.64
CA SER B 264 0.41 13.36 7.06
C SER B 264 1.00 13.98 5.78
N CYS B 265 2.03 13.35 5.20
CA CYS B 265 2.62 13.87 3.97
C CYS B 265 3.25 12.77 3.13
N GLY C 61 -27.49 -1.32 22.61
CA GLY C 61 -27.57 0.09 22.13
C GLY C 61 -26.27 0.54 21.48
N PHE C 62 -26.12 0.26 20.18
CA PHE C 62 -25.02 0.71 19.34
C PHE C 62 -24.44 2.09 19.69
N VAL C 63 -23.12 2.21 19.71
CA VAL C 63 -22.47 3.43 20.22
C VAL C 63 -22.48 4.66 19.31
N VAL C 64 -23.13 4.54 18.15
CA VAL C 64 -23.43 5.72 17.33
C VAL C 64 -24.95 5.94 17.30
N SER C 65 -25.38 7.07 17.82
CA SER C 65 -26.79 7.44 17.81
C SER C 65 -27.20 7.86 16.39
N GLU C 66 -28.48 7.68 16.09
CA GLU C 66 -29.03 8.07 14.81
C GLU C 66 -28.67 9.52 14.47
N ALA C 67 -28.98 10.45 15.39
CA ALA C 67 -28.69 11.87 15.16
C ALA C 67 -27.30 12.10 14.59
N GLN C 68 -26.33 11.36 15.15
CA GLN C 68 -24.92 11.46 14.78
C GLN C 68 -24.65 10.92 13.39
N PHE C 69 -25.23 9.76 13.10
CA PHE C 69 -25.11 9.10 11.80
C PHE C 69 -25.51 10.03 10.66
N ASN C 70 -26.61 10.75 10.87
CA ASN C 70 -27.13 11.69 9.89
C ASN C 70 -26.20 12.86 9.72
N GLN C 71 -25.56 13.26 10.81
CA GLN C 71 -24.63 14.37 10.80
C GLN C 71 -23.33 13.98 10.08
N MET C 72 -22.96 12.70 10.18
CA MET C 72 -21.82 12.10 9.47
C MET C 72 -22.13 11.95 8.00
N PHE C 73 -23.41 11.77 7.69
CA PHE C 73 -23.85 11.46 6.32
C PHE C 73 -25.05 12.30 5.86
N PRO C 74 -24.83 13.61 5.62
CA PRO C 74 -25.96 14.46 5.20
C PRO C 74 -26.33 14.29 3.71
N ASN C 75 -25.47 13.63 2.92
CA ASN C 75 -25.71 13.42 1.48
C ASN C 75 -26.07 11.99 1.15
N ARG C 76 -26.24 11.17 2.18
CA ARG C 76 -26.48 9.75 1.98
C ARG C 76 -27.59 9.47 0.96
N ASN C 77 -27.30 8.57 0.03
CA ASN C 77 -28.30 7.95 -0.82
C ASN C 77 -29.27 7.16 0.07
N ALA C 78 -30.53 7.14 -0.33
CA ALA C 78 -31.59 6.55 0.49
C ALA C 78 -31.49 5.01 0.60
N PHE C 79 -30.57 4.41 -0.18
CA PHE C 79 -30.26 2.98 -0.08
C PHE C 79 -29.64 2.67 1.30
N TYR C 80 -28.89 3.64 1.84
CA TYR C 80 -28.18 3.49 3.11
C TYR C 80 -28.97 4.12 4.25
N THR C 81 -29.53 3.28 5.10
CA THR C 81 -30.28 3.78 6.26
C THR C 81 -29.63 3.35 7.56
N TYR C 82 -29.78 4.20 8.58
CA TYR C 82 -29.36 3.88 9.94
C TYR C 82 -29.86 2.50 10.40
N LYS C 83 -31.16 2.25 10.19
CA LYS C 83 -31.77 0.96 10.54
C LYS C 83 -31.03 -0.19 9.84
N GLY C 84 -30.61 0.06 8.60
CA GLY C 84 -29.81 -0.90 7.83
C GLY C 84 -28.54 -1.31 8.58
N LEU C 85 -27.65 -0.33 8.76
CA LEU C 85 -26.43 -0.51 9.52
C LEU C 85 -26.69 -1.27 10.83
N THR C 86 -27.50 -0.67 11.70
CA THR C 86 -27.83 -1.26 13.02
C THR C 86 -28.34 -2.70 12.95
N ASP C 87 -29.18 -3.02 11.97
CA ASP C 87 -29.64 -4.39 11.81
C ASP C 87 -28.44 -5.32 11.57
N ALA C 88 -27.50 -4.85 10.76
CA ALA C 88 -26.32 -5.62 10.35
C ALA C 88 -25.39 -6.01 11.49
N LEU C 89 -25.39 -5.23 12.57
CA LEU C 89 -24.44 -5.37 13.67
C LEU C 89 -24.33 -6.78 14.26
N SER C 90 -25.49 -7.37 14.56
CA SER C 90 -25.57 -8.74 15.09
C SER C 90 -24.69 -9.76 14.38
N ALA C 91 -24.40 -9.54 13.10
CA ALA C 91 -23.58 -10.45 12.29
C ALA C 91 -22.15 -10.57 12.79
N TYR C 92 -21.58 -9.44 13.19
CA TYR C 92 -20.26 -9.41 13.80
C TYR C 92 -20.34 -8.81 15.20
N PRO C 93 -20.66 -9.65 16.20
CA PRO C 93 -21.00 -9.15 17.54
C PRO C 93 -19.89 -8.34 18.21
N ALA C 94 -18.64 -8.68 17.89
CA ALA C 94 -17.48 -8.00 18.48
C ALA C 94 -17.29 -6.57 17.97
N PHE C 95 -17.91 -6.25 16.84
CA PHE C 95 -17.68 -4.97 16.17
C PHE C 95 -18.24 -3.80 16.94
N ALA C 96 -17.38 -2.86 17.30
CA ALA C 96 -17.74 -1.67 18.10
C ALA C 96 -18.42 -2.06 19.41
N LYS C 97 -17.97 -3.18 19.96
CA LYS C 97 -18.41 -3.68 21.25
C LYS C 97 -17.20 -4.24 22.04
N THR C 98 -15.99 -4.00 21.55
CA THR C 98 -14.75 -4.47 22.22
C THR C 98 -13.92 -3.29 22.76
N GLY C 99 -13.46 -3.43 24.01
CA GLY C 99 -12.66 -2.40 24.69
C GLY C 99 -13.50 -1.36 25.42
N SER C 100 -12.85 -0.28 25.86
CA SER C 100 -13.54 0.82 26.53
C SER C 100 -14.57 1.48 25.62
N ASP C 101 -15.53 2.19 26.20
CA ASP C 101 -16.46 2.99 25.39
C ASP C 101 -15.70 3.87 24.43
N GLU C 102 -14.54 4.34 24.85
CA GLU C 102 -13.73 5.18 24.01
C GLU C 102 -13.27 4.41 22.78
N VAL C 103 -12.73 3.21 22.99
CA VAL C 103 -12.24 2.36 21.90
C VAL C 103 -13.41 1.94 21.01
N LYS C 104 -14.48 1.42 21.64
CA LYS C 104 -15.76 1.13 20.96
C LYS C 104 -16.10 2.23 19.98
N LYS C 105 -16.36 3.42 20.51
CA LYS C 105 -16.71 4.58 19.70
C LYS C 105 -15.65 4.82 18.61
N ARG C 106 -14.38 4.65 18.97
CA ARG C 106 -13.26 4.90 18.05
C ARG C 106 -13.27 3.96 16.84
N GLU C 107 -13.56 2.67 17.07
CA GLU C 107 -13.70 1.72 15.95
C GLU C 107 -14.82 2.15 15.02
N ALA C 108 -16.01 2.35 15.60
CA ALA C 108 -17.17 2.77 14.84
C ALA C 108 -16.83 3.98 14.02
N ALA C 109 -16.06 4.90 14.59
CA ALA C 109 -15.63 6.09 13.87
C ALA C 109 -14.72 5.73 12.70
N ALA C 110 -13.79 4.82 12.95
CA ALA C 110 -12.80 4.36 11.96
C ALA C 110 -13.49 3.69 10.79
N PHE C 111 -14.49 2.86 11.11
CA PHE C 111 -15.25 2.15 10.10
C PHE C 111 -16.00 3.11 9.17
N LEU C 112 -16.90 3.90 9.75
CA LEU C 112 -17.72 4.85 9.01
C LEU C 112 -16.89 5.92 8.28
N ALA C 113 -15.79 6.35 8.91
CA ALA C 113 -14.87 7.27 8.24
C ALA C 113 -14.41 6.70 6.91
N ASN C 114 -14.04 5.42 6.91
CA ASN C 114 -13.59 4.75 5.69
C ASN C 114 -14.70 4.56 4.68
N VAL C 115 -15.82 4.01 5.14
CA VAL C 115 -17.06 3.88 4.36
C VAL C 115 -17.41 5.17 3.60
N SER C 116 -17.39 6.28 4.34
CA SER C 116 -17.60 7.59 3.77
C SER C 116 -16.60 7.85 2.64
N HIS C 117 -15.31 7.64 2.90
CA HIS C 117 -14.31 7.87 1.87
C HIS C 117 -14.58 6.99 0.64
N GLU C 118 -15.03 5.76 0.87
CA GLU C 118 -15.22 4.77 -0.21
C GLU C 118 -16.45 5.02 -1.10
N THR C 119 -17.45 5.72 -0.56
CA THR C 119 -18.73 5.88 -1.25
C THR C 119 -19.18 7.34 -1.39
N GLY C 120 -18.24 8.29 -1.28
CA GLY C 120 -18.53 9.73 -1.28
C GLY C 120 -19.57 10.10 -0.23
N GLY C 121 -19.25 9.82 1.04
CA GLY C 121 -20.16 10.08 2.14
C GLY C 121 -21.50 9.39 1.98
N LEU C 122 -21.45 8.11 1.60
CA LEU C 122 -22.64 7.31 1.31
C LEU C 122 -23.48 7.77 0.11
N PHE C 123 -22.90 8.60 -0.75
CA PHE C 123 -23.62 9.08 -1.92
C PHE C 123 -23.91 7.97 -2.92
N TYR C 124 -22.95 7.04 -3.07
CA TYR C 124 -23.00 6.05 -4.14
C TYR C 124 -23.26 4.66 -3.61
N ILE C 125 -24.01 3.89 -4.40
CA ILE C 125 -24.23 2.46 -4.16
C ILE C 125 -23.21 1.68 -4.98
N LYS C 126 -23.02 2.07 -6.23
CA LYS C 126 -22.14 1.33 -7.11
C LYS C 126 -21.03 2.19 -7.69
N GLU C 127 -19.83 1.60 -7.74
CA GLU C 127 -18.67 2.26 -8.31
C GLU C 127 -19.05 2.98 -9.60
N VAL C 128 -18.68 4.26 -9.67
CA VAL C 128 -19.00 5.13 -10.80
C VAL C 128 -18.45 4.61 -12.14
N ASN C 129 -17.12 4.71 -12.29
CA ASN C 129 -16.45 4.55 -13.58
C ASN C 129 -16.56 3.15 -14.20
N GLU C 130 -17.32 3.04 -15.28
CA GLU C 130 -17.64 1.74 -15.85
C GLU C 130 -16.54 1.13 -16.70
N ALA C 131 -15.69 1.99 -17.25
CA ALA C 131 -14.51 1.54 -17.97
C ALA C 131 -13.73 0.50 -17.16
N ASN C 132 -13.82 0.59 -15.83
CA ASN C 132 -13.02 -0.22 -14.91
C ASN C 132 -13.63 -1.55 -14.53
N TYR C 133 -14.95 -1.63 -14.61
CA TYR C 133 -15.72 -2.83 -14.24
C TYR C 133 -14.98 -4.14 -14.64
N PRO C 134 -14.43 -4.21 -15.88
CA PRO C 134 -13.76 -5.45 -16.27
C PRO C 134 -12.40 -5.76 -15.61
N HIS C 135 -11.92 -5.00 -14.62
CA HIS C 135 -10.66 -5.48 -14.05
C HIS C 135 -10.76 -6.00 -12.62
N TYR C 136 -11.87 -6.67 -12.29
CA TYR C 136 -12.02 -7.28 -10.98
C TYR C 136 -12.25 -8.79 -11.08
N CYS C 137 -11.94 -9.35 -12.25
CA CYS C 137 -12.07 -10.81 -12.42
C CYS C 137 -10.70 -11.48 -12.46
N ASP C 138 -10.42 -12.25 -11.41
CA ASP C 138 -9.16 -12.92 -11.29
C ASP C 138 -9.40 -14.32 -11.82
N THR C 139 -9.04 -14.55 -13.07
CA THR C 139 -9.31 -15.84 -13.71
C THR C 139 -8.39 -16.99 -13.24
N THR C 140 -7.45 -16.69 -12.34
CA THR C 140 -6.57 -17.72 -11.77
C THR C 140 -7.19 -18.37 -10.56
N GLN C 141 -8.30 -17.83 -10.07
CA GLN C 141 -9.04 -18.52 -9.03
C GLN C 141 -9.70 -19.74 -9.61
N SER C 142 -9.66 -20.84 -8.90
CA SER C 142 -10.39 -22.03 -9.33
C SER C 142 -11.82 -21.70 -9.82
N TYR C 143 -12.62 -21.01 -9.00
CA TYR C 143 -14.04 -20.81 -9.24
C TYR C 143 -14.32 -19.68 -10.25
N GLY C 144 -13.28 -19.07 -10.79
CA GLY C 144 -13.43 -18.08 -11.86
C GLY C 144 -14.46 -17.01 -11.55
N CYS C 145 -15.16 -16.56 -12.59
CA CYS C 145 -16.13 -15.45 -12.47
C CYS C 145 -17.49 -15.75 -13.09
N PRO C 146 -18.25 -16.70 -12.52
CA PRO C 146 -19.52 -17.12 -13.15
C PRO C 146 -20.42 -15.97 -13.62
N ALA C 147 -20.55 -14.90 -12.85
CA ALA C 147 -21.37 -13.81 -13.32
C ALA C 147 -20.71 -12.90 -14.38
N GLY C 148 -19.47 -13.18 -14.79
CA GLY C 148 -18.85 -12.49 -15.95
C GLY C 148 -17.75 -11.50 -15.58
N GLN C 149 -16.76 -11.33 -16.48
CA GLN C 149 -15.57 -10.48 -16.23
C GLN C 149 -15.89 -9.16 -15.55
N ALA C 150 -16.90 -8.44 -16.05
CA ALA C 150 -17.13 -7.08 -15.57
C ALA C 150 -18.13 -7.00 -14.41
N ALA C 151 -18.59 -8.15 -13.94
CA ALA C 151 -19.66 -8.18 -12.93
C ALA C 151 -19.18 -7.98 -11.49
N TYR C 152 -17.88 -7.98 -11.25
CA TYR C 152 -17.42 -7.99 -9.88
C TYR C 152 -16.85 -6.64 -9.45
N TYR C 153 -17.48 -5.57 -9.93
CA TYR C 153 -17.08 -4.19 -9.63
C TYR C 153 -17.45 -3.80 -8.19
N GLY C 154 -17.11 -2.57 -7.81
CA GLY C 154 -17.32 -2.11 -6.43
C GLY C 154 -18.76 -1.74 -6.11
N ARG C 155 -19.38 -2.47 -5.18
CA ARG C 155 -20.71 -2.12 -4.67
C ARG C 155 -20.74 -2.14 -3.14
N GLY C 156 -21.65 -1.38 -2.56
CA GLY C 156 -21.81 -1.40 -1.10
C GLY C 156 -20.97 -0.34 -0.39
N PRO C 157 -21.06 -0.30 0.96
CA PRO C 157 -20.45 0.77 1.75
C PRO C 157 -18.93 0.69 1.69
N ILE C 158 -18.41 -0.54 1.69
CA ILE C 158 -16.98 -0.77 1.64
C ILE C 158 -16.45 -0.91 0.20
N GLN C 159 -17.39 -0.94 -0.76
CA GLN C 159 -17.09 -1.05 -2.20
C GLN C 159 -16.48 -2.40 -2.58
N LEU C 160 -17.08 -3.45 -2.04
CA LEU C 160 -16.68 -4.80 -2.32
C LEU C 160 -16.35 -5.02 -3.81
N SER C 161 -15.11 -5.47 -4.08
CA SER C 161 -14.65 -5.78 -5.44
C SER C 161 -13.91 -7.15 -5.50
N TRP C 162 -13.75 -7.70 -6.71
CA TRP C 162 -12.99 -8.95 -7.00
C TRP C 162 -13.72 -10.23 -6.68
N ASN C 163 -13.76 -11.13 -7.66
CA ASN C 163 -14.44 -12.42 -7.49
C ASN C 163 -14.05 -13.12 -6.21
N PHE C 164 -12.76 -13.08 -5.90
CA PHE C 164 -12.27 -13.72 -4.69
C PHE C 164 -12.89 -13.20 -3.39
N ASN C 165 -13.10 -11.88 -3.30
CA ASN C 165 -13.79 -11.25 -2.17
C ASN C 165 -15.26 -11.59 -2.15
N TYR C 166 -15.89 -11.61 -3.32
CA TYR C 166 -17.30 -11.99 -3.42
C TYR C 166 -17.50 -13.45 -3.02
N LYS C 167 -16.62 -14.33 -3.50
CA LYS C 167 -16.67 -15.72 -3.10
C LYS C 167 -16.55 -15.77 -1.58
N ALA C 168 -15.59 -15.02 -1.06
CA ALA C 168 -15.23 -15.03 0.36
C ALA C 168 -16.36 -14.51 1.25
N ALA C 169 -16.82 -13.29 1.00
CA ALA C 169 -17.98 -12.75 1.71
C ALA C 169 -19.15 -13.75 1.65
N GLY C 170 -19.37 -14.28 0.45
CA GLY C 170 -20.42 -15.24 0.19
C GLY C 170 -20.42 -16.37 1.20
N ASP C 171 -19.29 -17.06 1.31
CA ASP C 171 -19.23 -18.23 2.17
C ASP C 171 -19.41 -17.82 3.61
N ALA C 172 -18.79 -16.71 3.99
CA ALA C 172 -18.86 -16.22 5.35
C ALA C 172 -20.29 -15.84 5.75
N LEU C 173 -21.03 -15.25 4.82
CA LEU C 173 -22.41 -14.79 5.09
C LEU C 173 -23.52 -15.78 4.69
N GLY C 174 -23.16 -16.93 4.12
CA GLY C 174 -24.13 -17.93 3.64
C GLY C 174 -25.07 -17.38 2.57
N ILE C 175 -24.51 -16.64 1.61
CA ILE C 175 -25.25 -15.97 0.52
C ILE C 175 -24.37 -16.09 -0.70
N ASN C 176 -24.85 -16.74 -1.76
CA ASN C 176 -23.96 -16.96 -2.89
C ASN C 176 -23.70 -15.69 -3.69
N LEU C 177 -22.76 -14.90 -3.20
CA LEU C 177 -22.43 -13.62 -3.80
C LEU C 177 -21.55 -13.77 -5.05
N LEU C 178 -20.87 -14.91 -5.19
CA LEU C 178 -20.08 -15.15 -6.41
C LEU C 178 -21.01 -15.27 -7.61
N ALA C 179 -22.08 -16.07 -7.45
CA ALA C 179 -23.13 -16.20 -8.48
C ALA C 179 -23.85 -14.86 -8.66
N ASN C 180 -24.20 -14.25 -7.54
CA ASN C 180 -25.04 -13.06 -7.56
C ASN C 180 -24.39 -11.78 -7.00
N PRO C 181 -23.31 -11.29 -7.65
CA PRO C 181 -22.69 -10.05 -7.17
C PRO C 181 -23.68 -8.92 -7.00
N TYR C 182 -24.65 -8.85 -7.92
CA TYR C 182 -25.61 -7.74 -7.98
C TYR C 182 -26.40 -7.57 -6.66
N LEU C 183 -26.62 -8.66 -5.94
CA LEU C 183 -27.24 -8.63 -4.62
C LEU C 183 -26.70 -7.53 -3.71
N VAL C 184 -25.44 -7.16 -3.90
CA VAL C 184 -24.79 -6.19 -3.03
C VAL C 184 -25.26 -4.77 -3.29
N GLU C 185 -25.69 -4.47 -4.52
CA GLU C 185 -26.25 -3.15 -4.83
C GLU C 185 -27.77 -3.15 -4.75
N GLN C 186 -28.34 -4.33 -4.58
CA GLN C 186 -29.80 -4.49 -4.54
C GLN C 186 -30.34 -4.45 -3.12
N ASP C 187 -29.73 -5.22 -2.22
CA ASP C 187 -30.25 -5.41 -0.86
C ASP C 187 -29.37 -4.70 0.19
N PRO C 188 -29.95 -3.70 0.91
CA PRO C 188 -29.20 -3.01 1.96
C PRO C 188 -28.69 -3.92 3.07
N ALA C 189 -29.47 -4.94 3.46
CA ALA C 189 -29.04 -5.85 4.52
C ALA C 189 -27.69 -6.47 4.12
N VAL C 190 -27.69 -7.11 2.94
CA VAL C 190 -26.49 -7.72 2.38
C VAL C 190 -25.35 -6.69 2.27
N ALA C 191 -25.64 -5.52 1.72
CA ALA C 191 -24.62 -4.47 1.53
C ALA C 191 -23.85 -4.11 2.81
N TRP C 192 -24.58 -3.89 3.89
CA TRP C 192 -23.97 -3.64 5.19
C TRP C 192 -23.14 -4.84 5.67
N LYS C 193 -23.75 -6.02 5.71
CA LYS C 193 -23.04 -7.24 6.13
C LYS C 193 -21.73 -7.46 5.37
N THR C 194 -21.64 -7.02 4.12
CA THR C 194 -20.37 -7.12 3.39
C THR C 194 -19.33 -6.12 3.91
N GLY C 195 -19.78 -4.94 4.30
CA GLY C 195 -18.86 -3.97 4.88
C GLY C 195 -18.28 -4.45 6.20
N LEU C 196 -19.09 -5.20 6.93
CA LEU C 196 -18.70 -5.66 8.24
C LEU C 196 -17.84 -6.90 8.15
N TRP C 197 -18.15 -7.76 7.19
CA TRP C 197 -17.30 -8.90 6.86
C TRP C 197 -15.89 -8.41 6.58
N TYR C 198 -15.78 -7.39 5.73
CA TYR C 198 -14.46 -6.90 5.34
C TYR C 198 -13.69 -6.39 6.55
N TRP C 199 -14.34 -5.47 7.28
CA TRP C 199 -13.78 -4.85 8.48
C TRP C 199 -13.27 -5.92 9.44
N ASN C 200 -14.07 -6.95 9.66
CA ASN C 200 -13.78 -7.85 10.74
C ASN C 200 -13.01 -9.08 10.38
N SER C 201 -12.83 -9.33 9.08
CA SER C 201 -12.13 -10.57 8.68
C SER C 201 -11.04 -10.42 7.61
N GLN C 202 -10.85 -9.25 7.07
CA GLN C 202 -10.00 -9.15 5.90
C GLN C 202 -8.69 -8.40 6.09
N ASN C 203 -7.60 -9.01 5.63
CA ASN C 203 -6.30 -8.35 5.69
C ASN C 203 -6.02 -7.39 4.52
N GLY C 204 -6.65 -7.64 3.38
CA GLY C 204 -6.36 -6.85 2.19
C GLY C 204 -4.88 -6.73 1.97
N PRO C 205 -4.43 -5.61 1.39
CA PRO C 205 -3.00 -5.29 1.28
C PRO C 205 -2.29 -4.99 2.63
N GLY C 206 -3.05 -4.96 3.73
CA GLY C 206 -2.46 -4.84 5.07
C GLY C 206 -2.12 -6.20 5.66
N THR C 207 -1.86 -6.23 6.98
CA THR C 207 -1.34 -7.42 7.66
C THR C 207 -2.24 -7.81 8.81
N MET C 208 -3.38 -7.12 8.93
CA MET C 208 -4.39 -7.40 9.96
C MET C 208 -5.75 -6.91 9.51
N THR C 209 -6.80 -7.40 10.15
CA THR C 209 -8.15 -6.90 9.90
C THR C 209 -8.31 -5.52 10.53
N PRO C 210 -9.02 -4.59 9.82
CA PRO C 210 -9.19 -3.23 10.37
C PRO C 210 -9.66 -3.21 11.81
N HIS C 211 -10.63 -4.07 12.14
CA HIS C 211 -11.07 -4.28 13.51
C HIS C 211 -9.89 -4.49 14.44
N ASN C 212 -9.07 -5.50 14.17
CA ASN C 212 -7.86 -5.72 14.96
C ASN C 212 -6.94 -4.53 14.99
N ALA C 213 -6.82 -3.82 13.87
CA ALA C 213 -5.99 -2.63 13.86
C ALA C 213 -6.47 -1.59 14.89
N ILE C 214 -7.76 -1.57 15.21
CA ILE C 214 -8.22 -0.60 16.18
C ILE C 214 -8.23 -1.18 17.61
N VAL C 215 -8.86 -2.34 17.74
CA VAL C 215 -8.93 -3.03 19.02
C VAL C 215 -7.56 -3.40 19.61
N ASN C 216 -6.53 -3.51 18.78
CA ASN C 216 -5.16 -3.74 19.24
C ASN C 216 -4.34 -2.49 19.19
N ASN C 217 -4.97 -1.39 18.82
CA ASN C 217 -4.35 -0.11 19.00
C ASN C 217 -3.14 0.02 18.10
N ALA C 218 -3.22 -0.56 16.90
CA ALA C 218 -2.15 -0.44 15.93
C ALA C 218 -2.30 0.87 15.20
N GLY C 219 -3.51 1.44 15.24
CA GLY C 219 -3.79 2.76 14.69
C GLY C 219 -4.59 2.73 13.40
N PHE C 220 -5.45 3.74 13.24
CA PHE C 220 -6.27 3.93 12.03
C PHE C 220 -5.44 3.71 10.76
N GLY C 221 -4.22 4.24 10.76
CA GLY C 221 -3.31 4.05 9.64
C GLY C 221 -3.30 2.62 9.11
N GLU C 222 -3.37 1.62 9.99
CA GLU C 222 -3.35 0.23 9.55
C GLU C 222 -4.63 -0.21 8.84
N THR C 223 -5.75 0.45 9.14
CA THR C 223 -7.00 0.22 8.40
C THR C 223 -6.90 0.75 6.98
N ILE C 224 -6.28 1.91 6.80
CA ILE C 224 -6.01 2.40 5.46
C ILE C 224 -5.25 1.31 4.70
N ARG C 225 -4.16 0.84 5.30
CA ARG C 225 -3.31 -0.19 4.69
C ARG C 225 -4.15 -1.38 4.25
N SER C 226 -4.96 -1.92 5.16
CA SER C 226 -5.72 -3.12 4.91
C SER C 226 -6.89 -2.89 3.96
N ILE C 227 -7.27 -1.63 3.78
CA ILE C 227 -8.35 -1.30 2.86
C ILE C 227 -7.82 -1.02 1.43
N ASN C 228 -6.81 -0.15 1.31
CA ASN C 228 -6.26 0.18 0.00
C ASN C 228 -4.78 0.55 0.08
N GLY C 229 -4.07 -0.15 0.98
CA GLY C 229 -2.68 0.12 1.33
C GLY C 229 -1.74 0.10 0.15
N ALA C 230 -1.93 -0.87 -0.75
CA ALA C 230 -1.06 -1.04 -1.93
C ALA C 230 -0.99 0.22 -2.77
N LEU C 231 -2.16 0.81 -3.03
CA LEU C 231 -2.29 2.04 -3.82
C LEU C 231 -2.02 3.31 -3.02
N GLU C 232 -2.46 3.34 -1.77
CA GLU C 232 -2.44 4.56 -0.97
C GLU C 232 -1.24 4.74 -0.01
N CYS C 233 -0.85 3.71 0.74
CA CYS C 233 0.23 3.88 1.72
C CYS C 233 1.59 4.08 1.08
N ASN C 234 2.59 4.28 1.91
CA ASN C 234 3.99 4.32 1.48
C ASN C 234 4.28 5.36 0.43
N GLY C 235 3.47 6.42 0.44
CA GLY C 235 3.61 7.48 -0.54
C GLY C 235 2.83 7.19 -1.81
N GLY C 236 2.10 6.08 -1.81
CA GLY C 236 1.28 5.70 -2.96
C GLY C 236 0.41 6.83 -3.43
N ASN C 237 -0.54 7.21 -2.57
CA ASN C 237 -1.39 8.35 -2.82
C ASN C 237 -1.62 9.20 -1.56
N PRO C 238 -0.68 10.12 -1.25
CA PRO C 238 -0.82 10.90 -0.01
C PRO C 238 -2.20 11.59 0.16
N ALA C 239 -2.76 12.11 -0.94
CA ALA C 239 -4.06 12.81 -0.91
C ALA C 239 -5.23 11.96 -0.37
N GLN C 240 -5.25 10.69 -0.74
CA GLN C 240 -6.33 9.80 -0.31
C GLN C 240 -6.19 9.52 1.18
N VAL C 241 -4.94 9.34 1.59
CA VAL C 241 -4.63 9.07 2.98
C VAL C 241 -5.07 10.26 3.78
N GLN C 242 -4.71 11.45 3.31
CA GLN C 242 -5.11 12.72 3.91
C GLN C 242 -6.62 12.76 4.13
N SER C 243 -7.36 12.52 3.05
CA SER C 243 -8.82 12.56 3.04
C SER C 243 -9.47 11.49 3.94
N ARG C 244 -8.84 10.34 4.12
CA ARG C 244 -9.37 9.35 5.06
C ARG C 244 -9.21 9.80 6.50
N ILE C 245 -7.98 10.17 6.87
CA ILE C 245 -7.62 10.71 8.19
C ILE C 245 -8.55 11.87 8.52
N ASN C 246 -8.67 12.82 7.57
CA ASN C 246 -9.50 14.01 7.76
C ASN C 246 -10.92 13.64 8.16
N LYS C 247 -11.49 12.69 7.44
CA LYS C 247 -12.83 12.20 7.76
C LYS C 247 -12.92 11.54 9.14
N PHE C 248 -11.88 10.77 9.49
CA PHE C 248 -11.77 10.08 10.79
C PHE C 248 -11.77 11.07 11.96
N THR C 249 -10.84 12.04 11.93
CA THR C 249 -10.82 13.18 12.84
C THR C 249 -12.24 13.76 13.07
N GLN C 250 -12.96 14.02 11.99
CA GLN C 250 -14.29 14.59 12.07
C GLN C 250 -15.24 13.73 12.89
N PHE C 251 -15.25 12.44 12.60
CA PHE C 251 -16.21 11.54 13.21
C PHE C 251 -15.87 11.24 14.65
N THR C 252 -14.58 11.26 14.99
CA THR C 252 -14.15 11.12 16.38
C THR C 252 -14.60 12.31 17.20
N GLN C 253 -14.65 13.48 16.56
CA GLN C 253 -15.32 14.64 17.13
C GLN C 253 -16.82 14.37 17.28
N ILE C 254 -17.50 14.14 16.16
CA ILE C 254 -18.91 13.82 16.21
C ILE C 254 -19.24 12.79 17.31
N LEU C 255 -18.39 11.79 17.52
CA LEU C 255 -18.70 10.76 18.51
C LEU C 255 -18.20 11.07 19.91
N GLY C 256 -17.41 12.14 20.03
CA GLY C 256 -16.76 12.51 21.29
C GLY C 256 -15.81 11.43 21.79
N THR C 257 -14.79 11.14 20.98
CA THR C 257 -13.75 10.19 21.33
C THR C 257 -12.46 10.63 20.64
N THR C 258 -11.35 9.93 20.88
CA THR C 258 -10.07 10.38 20.29
C THR C 258 -9.58 9.50 19.16
N THR C 259 -8.78 10.11 18.27
CA THR C 259 -8.23 9.39 17.14
C THR C 259 -7.30 8.27 17.60
N GLY C 260 -6.52 8.50 18.63
CA GLY C 260 -5.47 7.54 18.97
C GLY C 260 -4.27 7.71 18.07
N PRO C 261 -3.34 6.72 18.09
CA PRO C 261 -2.04 6.93 17.47
C PRO C 261 -2.00 6.45 16.02
N ASN C 262 -0.85 6.69 15.39
CA ASN C 262 -0.48 6.12 14.09
C ASN C 262 -1.57 6.18 13.05
N LEU C 263 -1.84 7.39 12.58
CA LEU C 263 -2.95 7.63 11.67
C LEU C 263 -2.50 7.54 10.21
N SER C 264 -1.22 7.86 9.97
CA SER C 264 -0.57 7.70 8.69
C SER C 264 -0.36 6.27 8.28
N CYS C 265 -0.03 6.08 7.00
CA CYS C 265 0.53 4.84 6.49
C CYS C 265 1.25 5.26 5.24
N1 EPE D . -2.52 -17.89 -18.51
C2 EPE D . -2.15 -16.91 -19.54
C3 EPE D . -3.40 -16.28 -20.14
N4 EPE D . -4.17 -17.32 -20.80
C5 EPE D . -4.48 -18.49 -19.99
C6 EPE D . -3.33 -18.97 -19.10
C7 EPE D . -5.13 -16.91 -21.81
C8 EPE D . -5.03 -17.64 -23.14
O8 EPE D . -5.95 -18.72 -23.12
C9 EPE D . -1.27 -18.51 -18.03
C10 EPE D . -1.01 -18.29 -16.53
S EPE D . -1.04 -16.57 -15.97
O1S EPE D . -0.46 -16.44 -14.64
O2S EPE D . -2.43 -16.08 -15.96
O3S EPE D . -0.24 -15.74 -16.86
N1 EPE E . 16.39 18.67 10.59
C2 EPE E . 17.21 18.27 11.74
C3 EPE E . 17.63 16.81 11.56
N4 EPE E . 16.50 15.94 11.30
C5 EPE E . 15.26 16.42 10.70
C6 EPE E . 15.11 17.95 10.58
C7 EPE E . 16.68 14.50 11.40
C8 EPE E . 15.79 13.84 12.47
O8 EPE E . 14.50 13.59 11.95
C9 EPE E . 16.03 20.09 10.62
C10 EPE E . 17.14 20.97 11.19
S EPE E . 18.23 21.65 9.90
O1S EPE E . 18.76 22.95 10.33
O2S EPE E . 17.39 21.79 8.70
O3S EPE E . 19.38 20.78 9.66
N1 EPE F . -11.68 -1.38 -1.72
C2 EPE F . -12.82 -0.62 -2.28
C3 EPE F . -12.44 0.12 -3.56
N4 EPE F . -11.24 0.93 -3.36
C5 EPE F . -10.15 0.33 -2.59
C6 EPE F . -10.56 -0.51 -1.39
C7 EPE F . -10.80 1.79 -4.44
C8 EPE F . -11.00 3.31 -4.28
O8 EPE F . -11.20 3.68 -2.92
C9 EPE F . -12.06 -2.04 -0.46
C10 EPE F . -12.93 -3.27 -0.71
S EPE F . -12.22 -4.44 -1.90
O1S EPE F . -13.23 -5.46 -2.13
O2S EPE F . -11.04 -5.11 -1.36
O3S EPE F . -11.77 -3.77 -3.13
#